data_2GJ3
#
_entry.id   2GJ3
#
_cell.length_a   68.111
_cell.length_b   68.111
_cell.length_c   302.064
_cell.angle_alpha   90.00
_cell.angle_beta   90.00
_cell.angle_gamma   120.00
#
_symmetry.space_group_name_H-M   'H 3 2'
#
loop_
_entity.id
_entity.type
_entity.pdbx_description
1 polymer 'Nitrogen fixation regulatory protein'
2 non-polymer 'SULFATE ION'
3 non-polymer 'FLAVIN-ADENINE DINUCLEOTIDE'
4 non-polymer ETHANOL
5 water water
#
_entity_poly.entity_id   1
_entity_poly.type   'polypeptide(L)'
_entity_poly.pdbx_seq_one_letter_code
;ELLPEIFRQTVEHAPIAISITDLKANILYANRAFRTITGYGSEEVLGKNESILSNGTTPRLVYQALWGRLAQKKPWSGVL
VNRRKDKTLYLAELTVAPVLNEAGETIYYLGMHRDTSELH
;
_entity_poly.pdbx_strand_id   A,B
#
# COMPACT_ATOMS: atom_id res chain seq x y z
N LEU A 2 -6.38 14.40 -10.43
CA LEU A 2 -5.57 14.36 -9.18
C LEU A 2 -4.10 14.54 -9.47
N LEU A 3 -3.48 15.42 -8.71
CA LEU A 3 -2.09 15.72 -8.99
C LEU A 3 -1.22 14.63 -8.44
N PRO A 4 0.01 14.52 -8.97
CA PRO A 4 0.96 13.50 -8.47
C PRO A 4 1.21 13.57 -6.94
N GLU A 5 1.25 14.76 -6.31
CA GLU A 5 1.38 14.82 -4.86
C GLU A 5 0.33 13.95 -4.15
N ILE A 6 -0.89 13.86 -4.71
CA ILE A 6 -1.93 13.09 -3.99
C ILE A 6 -1.53 11.61 -4.00
N PHE A 7 -1.02 11.14 -5.13
CA PHE A 7 -0.55 9.70 -5.12
C PHE A 7 0.67 9.50 -4.28
N ARG A 8 1.57 10.49 -4.16
CA ARG A 8 2.68 10.34 -3.22
C ARG A 8 2.15 10.24 -1.79
N GLN A 9 1.17 11.07 -1.43
CA GLN A 9 0.57 10.98 -0.10
C GLN A 9 -0.08 9.61 0.11
N THR A 10 -0.68 9.10 -0.93
CA THR A 10 -1.39 7.82 -0.88
C THR A 10 -0.36 6.68 -0.56
N VAL A 11 0.69 6.70 -1.32
CA VAL A 11 1.78 5.72 -1.02
C VAL A 11 2.28 5.92 0.38
N GLU A 12 2.53 7.16 0.77
CA GLU A 12 3.08 7.42 2.07
C GLU A 12 2.21 6.80 3.19
N HIS A 13 0.91 6.90 3.05
CA HIS A 13 -0.04 6.44 4.09
C HIS A 13 -0.60 5.04 3.85
N ALA A 14 -0.16 4.35 2.83
CA ALA A 14 -0.73 3.04 2.60
C ALA A 14 -0.40 2.05 3.60
N PRO A 15 -1.32 1.16 4.02
CA PRO A 15 -1.02 0.22 5.10
C PRO A 15 -0.34 -1.07 4.62
N ILE A 16 0.66 -0.90 3.82
CA ILE A 16 1.53 -1.97 3.39
C ILE A 16 2.90 -1.30 3.25
N ALA A 17 3.96 -2.06 3.55
CA ALA A 17 5.30 -1.48 3.44
C ALA A 17 5.63 -1.26 1.98
N ILE A 18 6.07 -0.08 1.62
CA ILE A 18 6.49 0.25 0.21
C ILE A 18 7.80 0.93 0.27
N SER A 19 8.74 0.39 -0.55
CA SER A 19 10.05 1.03 -0.74
C SER A 19 10.32 1.10 -2.27
N ILE A 20 11.03 2.17 -2.63
CA ILE A 20 11.50 2.32 -4.06
C ILE A 20 12.99 2.48 -3.99
N THR A 21 13.69 1.75 -4.86
CA THR A 21 15.13 1.68 -4.80
C THR A 21 15.74 2.02 -6.17
N ASP A 22 17.05 2.28 -6.10
CA ASP A 22 17.85 2.32 -7.36
C ASP A 22 18.06 0.86 -7.81
N LEU A 23 18.86 0.74 -8.92
CA LEU A 23 19.02 -0.54 -9.52
C LEU A 23 20.00 -1.48 -8.74
N LYS A 24 20.55 -1.02 -7.66
CA LYS A 24 21.32 -1.88 -6.76
C LYS A 24 20.67 -2.06 -5.40
N ALA A 25 19.38 -1.65 -5.30
CA ALA A 25 18.56 -1.82 -4.08
C ALA A 25 18.96 -0.85 -2.99
N ASN A 26 19.55 0.29 -3.30
CA ASN A 26 19.61 1.38 -2.33
C ASN A 26 18.32 2.02 -2.23
N ILE A 27 17.80 2.22 -0.99
CA ILE A 27 16.46 2.75 -0.82
C ILE A 27 16.47 4.28 -1.06
N LEU A 28 15.57 4.65 -1.99
CA LEU A 28 15.40 6.08 -2.32
C LEU A 28 14.17 6.67 -1.71
N TYR A 29 13.18 5.81 -1.29
CA TYR A 29 11.90 6.23 -0.75
C TYR A 29 11.41 5.04 0.09
N ALA A 30 10.80 5.38 1.25
CA ALA A 30 10.12 4.35 2.07
C ALA A 30 8.93 5.02 2.70
N ASN A 31 7.76 4.33 2.70
CA ASN A 31 6.56 4.91 3.30
C ASN A 31 6.49 4.66 4.82
N ARG A 32 5.47 5.21 5.45
CA ARG A 32 5.43 5.12 6.90
CA ARG A 32 5.43 5.10 6.90
C ARG A 32 5.39 3.65 7.37
N ALA A 33 4.60 2.82 6.70
CA ALA A 33 4.50 1.45 7.11
C ALA A 33 5.87 0.77 7.01
N PHE A 34 6.64 1.01 5.93
CA PHE A 34 7.93 0.43 5.82
C PHE A 34 8.84 0.78 7.01
N ARG A 35 8.83 2.09 7.33
CA ARG A 35 9.66 2.52 8.43
C ARG A 35 9.19 1.91 9.74
N THR A 36 7.87 1.86 9.96
CA THR A 36 7.40 1.22 11.19
C THR A 36 7.73 -0.25 11.34
N ILE A 37 7.53 -1.00 10.23
CA ILE A 37 7.71 -2.43 10.28
C ILE A 37 9.24 -2.73 10.44
N THR A 38 10.07 -2.04 9.62
CA THR A 38 11.49 -2.36 9.60
C THR A 38 12.23 -1.72 10.75
N GLY A 39 11.71 -0.65 11.34
CA GLY A 39 12.40 0.06 12.46
C GLY A 39 13.29 1.21 12.03
N TYR A 40 13.52 1.43 10.75
CA TYR A 40 14.41 2.51 10.28
C TYR A 40 13.56 3.78 10.11
N GLY A 41 14.06 4.83 10.69
CA GLY A 41 13.38 6.11 10.59
C GLY A 41 13.60 6.81 9.26
N SER A 42 12.79 7.91 9.11
CA SER A 42 12.68 8.55 7.84
C SER A 42 14.00 9.08 7.26
N GLU A 43 14.95 9.46 8.13
CA GLU A 43 16.24 9.88 7.62
C GLU A 43 17.19 8.72 7.38
N GLU A 44 17.47 7.89 8.39
CA GLU A 44 18.45 6.80 8.20
C GLU A 44 18.02 5.83 7.16
N VAL A 45 16.73 5.63 6.92
CA VAL A 45 16.42 4.55 5.90
C VAL A 45 16.91 4.93 4.54
N LEU A 46 17.08 6.24 4.24
CA LEU A 46 17.50 6.70 2.93
C LEU A 46 18.99 6.59 2.77
N GLY A 47 19.71 6.05 3.75
CA GLY A 47 21.12 5.61 3.58
C GLY A 47 21.26 4.11 3.65
N LYS A 48 20.16 3.36 3.58
CA LYS A 48 20.26 1.87 3.67
C LYS A 48 19.98 1.24 2.29
N ASN A 49 20.44 0.00 2.22
CA ASN A 49 20.13 -0.89 1.10
C ASN A 49 19.11 -1.92 1.64
N GLU A 50 18.29 -2.47 0.73
CA GLU A 50 17.35 -3.54 1.17
C GLU A 50 18.15 -4.72 1.80
N SER A 51 19.43 -4.92 1.46
CA SER A 51 20.15 -5.98 2.08
C SER A 51 20.23 -5.84 3.59
N ILE A 52 19.99 -4.65 4.17
CA ILE A 52 20.06 -4.58 5.65
CA ILE A 52 19.98 -4.46 5.63
C ILE A 52 18.95 -5.40 6.28
N LEU A 53 17.92 -5.79 5.53
CA LEU A 53 16.82 -6.67 6.03
C LEU A 53 17.22 -8.12 6.01
N SER A 54 18.28 -8.51 5.33
CA SER A 54 18.55 -9.90 5.15
C SER A 54 19.01 -10.53 6.44
N ASN A 55 19.01 -11.87 6.40
CA ASN A 55 19.35 -12.63 7.61
C ASN A 55 19.31 -14.06 7.22
N GLY A 56 19.98 -14.87 7.95
CA GLY A 56 20.04 -16.22 7.58
C GLY A 56 18.83 -17.16 7.71
N THR A 57 17.66 -16.79 8.28
CA THR A 57 16.49 -17.67 8.32
C THR A 57 16.11 -17.89 6.86
N THR A 58 16.32 -16.91 5.97
CA THR A 58 15.88 -16.95 4.62
C THR A 58 16.93 -17.68 3.78
N PRO A 59 16.60 -18.73 2.99
CA PRO A 59 17.59 -19.35 2.10
C PRO A 59 18.13 -18.32 1.08
N ARG A 60 19.41 -18.37 0.78
CA ARG A 60 20.03 -17.43 -0.14
C ARG A 60 19.45 -17.55 -1.54
N LEU A 61 18.99 -18.76 -1.91
CA LEU A 61 18.41 -18.84 -3.22
CA LEU A 61 18.37 -18.88 -3.17
C LEU A 61 17.18 -18.00 -3.34
N VAL A 62 16.50 -17.54 -2.23
CA VAL A 62 15.40 -16.66 -2.40
C VAL A 62 15.85 -15.34 -2.99
N TYR A 63 17.06 -14.84 -2.52
CA TYR A 63 17.49 -13.55 -2.99
C TYR A 63 17.85 -13.69 -4.48
N GLN A 64 18.47 -14.82 -4.84
CA GLN A 64 18.85 -15.11 -6.26
C GLN A 64 17.56 -15.14 -7.10
N ALA A 65 16.48 -15.73 -6.56
CA ALA A 65 15.18 -15.87 -7.29
C ALA A 65 14.60 -14.51 -7.62
N LEU A 66 14.54 -13.68 -6.56
CA LEU A 66 13.95 -12.36 -6.72
C LEU A 66 14.74 -11.53 -7.74
N TRP A 67 16.09 -11.53 -7.61
CA TRP A 67 16.89 -10.77 -8.54
C TRP A 67 16.80 -11.27 -9.96
N GLY A 68 16.77 -12.60 -10.08
CA GLY A 68 16.70 -13.22 -11.45
C GLY A 68 15.43 -12.75 -12.12
N ARG A 69 14.28 -12.59 -11.42
CA ARG A 69 13.12 -12.07 -12.10
C ARG A 69 13.23 -10.58 -12.38
N LEU A 70 13.62 -9.79 -11.36
CA LEU A 70 13.73 -8.33 -11.61
C LEU A 70 14.67 -8.02 -12.81
N ALA A 71 15.76 -8.76 -12.94
CA ALA A 71 16.69 -8.39 -14.00
C ALA A 71 16.16 -8.68 -15.40
N GLN A 72 15.10 -9.53 -15.47
CA GLN A 72 14.42 -9.83 -16.69
C GLN A 72 13.30 -8.79 -16.97
N LYS A 73 13.14 -7.82 -16.07
CA LYS A 73 12.00 -6.92 -16.14
C LYS A 73 10.71 -7.61 -15.75
N LYS A 74 10.79 -8.59 -14.85
CA LYS A 74 9.62 -9.30 -14.39
C LYS A 74 9.55 -9.15 -12.84
N PRO A 75 8.28 -9.21 -12.37
CA PRO A 75 8.11 -9.18 -10.88
C PRO A 75 8.39 -10.52 -10.28
N TRP A 76 8.59 -10.46 -8.97
CA TRP A 76 8.70 -11.68 -8.14
C TRP A 76 7.80 -11.49 -6.91
N SER A 77 7.07 -12.54 -6.54
CA SER A 77 6.34 -12.55 -5.31
CA SER A 77 6.38 -12.53 -5.24
C SER A 77 6.65 -13.82 -4.52
N GLY A 78 6.91 -13.68 -3.23
CA GLY A 78 7.15 -14.85 -2.37
C GLY A 78 7.26 -14.40 -0.93
N VAL A 79 7.88 -15.28 -0.14
CA VAL A 79 7.99 -15.06 1.31
C VAL A 79 9.43 -15.13 1.71
N LEU A 80 9.82 -14.38 2.70
CA LEU A 80 11.20 -14.41 3.26
C LEU A 80 11.05 -13.86 4.71
N VAL A 81 12.12 -14.11 5.46
CA VAL A 81 12.20 -13.62 6.84
C VAL A 81 13.14 -12.41 6.86
N ASN A 82 12.64 -11.28 7.36
CA ASN A 82 13.43 -10.08 7.42
C ASN A 82 13.85 -9.77 8.87
N ARG A 83 14.89 -8.96 9.00
CA ARG A 83 15.42 -8.52 10.27
C ARG A 83 15.15 -7.04 10.40
N ARG A 84 14.52 -6.64 11.52
CA ARG A 84 14.26 -5.25 11.81
C ARG A 84 15.52 -4.61 12.43
N LYS A 85 15.48 -3.26 12.55
CA LYS A 85 16.59 -2.55 13.25
C LYS A 85 16.75 -3.12 14.64
N ASP A 86 15.66 -3.46 15.34
CA ASP A 86 15.72 -3.96 16.75
C ASP A 86 16.15 -5.42 16.82
N LYS A 87 16.50 -6.05 15.68
CA LYS A 87 17.08 -7.38 15.58
C LYS A 87 16.03 -8.50 15.74
N THR A 88 14.76 -8.14 15.93
CA THR A 88 13.69 -9.17 15.79
C THR A 88 13.53 -9.46 14.31
N LEU A 89 12.94 -10.64 14.10
CA LEU A 89 12.71 -11.19 12.74
C LEU A 89 11.24 -11.34 12.50
N TYR A 90 10.86 -11.20 11.23
CA TYR A 90 9.45 -11.33 10.88
C TYR A 90 9.33 -11.98 9.51
N LEU A 91 8.31 -12.82 9.38
CA LEU A 91 7.98 -13.42 8.08
C LEU A 91 7.27 -12.41 7.24
N ALA A 92 7.78 -12.06 6.10
CA ALA A 92 7.20 -11.08 5.19
C ALA A 92 6.68 -11.79 3.94
N GLU A 93 5.57 -11.26 3.44
CA GLU A 93 5.16 -11.63 2.05
C GLU A 93 5.50 -10.40 1.22
N LEU A 94 6.39 -10.60 0.25
CA LEU A 94 7.05 -9.51 -0.50
C LEU A 94 6.74 -9.68 -1.97
N THR A 95 6.41 -8.60 -2.63
CA THR A 95 6.40 -8.48 -4.10
C THR A 95 7.40 -7.41 -4.49
N VAL A 96 8.27 -7.75 -5.42
CA VAL A 96 9.17 -6.72 -6.01
C VAL A 96 8.87 -6.67 -7.51
N ALA A 97 9.05 -5.48 -8.05
CA ALA A 97 8.74 -5.27 -9.48
C ALA A 97 9.68 -4.20 -10.05
N PRO A 98 9.95 -4.30 -11.35
CA PRO A 98 10.64 -3.21 -12.01
C PRO A 98 9.67 -2.04 -12.20
N VAL A 99 10.19 -0.86 -12.10
CA VAL A 99 9.48 0.35 -12.53
C VAL A 99 10.12 0.74 -13.87
N LEU A 100 9.28 0.71 -14.91
CA LEU A 100 9.75 0.89 -16.29
C LEU A 100 9.37 2.27 -16.85
N ASN A 101 10.27 2.83 -17.66
CA ASN A 101 9.91 4.05 -18.41
C ASN A 101 9.09 3.66 -19.64
N GLU A 102 8.81 4.68 -20.49
CA GLU A 102 7.90 4.44 -21.65
C GLU A 102 8.56 3.57 -22.69
N ALA A 103 9.89 3.46 -22.70
CA ALA A 103 10.63 2.60 -23.62
C ALA A 103 10.76 1.21 -23.06
N GLY A 104 10.21 0.92 -21.89
CA GLY A 104 10.31 -0.44 -21.31
C GLY A 104 11.62 -0.70 -20.58
N GLU A 105 12.34 0.34 -20.24
CA GLU A 105 13.64 0.19 -19.56
CA GLU A 105 13.64 0.23 -19.48
C GLU A 105 13.46 0.45 -18.05
N THR A 106 14.20 -0.33 -17.23
CA THR A 106 14.05 -0.17 -15.78
C THR A 106 14.72 1.08 -15.28
N ILE A 107 13.89 1.88 -14.50
CA ILE A 107 14.39 3.10 -13.87
C ILE A 107 14.51 3.02 -12.36
N TYR A 108 13.69 2.15 -11.74
CA TYR A 108 13.77 1.92 -10.25
C TYR A 108 13.28 0.47 -10.05
N TYR A 109 13.44 0.01 -8.79
CA TYR A 109 12.71 -1.19 -8.36
C TYR A 109 11.74 -0.78 -7.25
N LEU A 110 10.63 -1.50 -7.19
CA LEU A 110 9.58 -1.30 -6.20
C LEU A 110 9.48 -2.55 -5.32
N GLY A 111 9.45 -2.33 -4.00
CA GLY A 111 9.17 -3.43 -3.09
C GLY A 111 7.91 -3.13 -2.32
N MET A 112 7.04 -4.09 -2.18
CA MET A 112 5.82 -3.90 -1.35
CA MET A 112 5.76 -3.98 -1.43
C MET A 112 5.68 -5.20 -0.51
N HIS A 113 5.53 -5.04 0.80
CA HIS A 113 5.42 -6.24 1.63
C HIS A 113 4.53 -6.02 2.79
N ARG A 114 4.08 -7.16 3.32
CA ARG A 114 3.33 -7.18 4.58
C ARG A 114 4.17 -7.97 5.62
N ASP A 115 3.95 -7.44 6.86
CA ASP A 115 4.52 -8.11 8.02
C ASP A 115 3.49 -9.05 8.59
N THR A 116 3.75 -10.35 8.59
CA THR A 116 2.74 -11.30 9.06
C THR A 116 2.81 -11.54 10.58
N SER A 117 3.74 -10.89 11.28
CA SER A 117 3.87 -11.14 12.72
C SER A 117 2.70 -10.61 13.48
N GLU A 118 2.50 -11.16 14.65
CA GLU A 118 1.48 -10.67 15.59
C GLU A 118 2.08 -10.42 16.96
N LEU A 119 3.28 -10.79 17.30
CA LEU A 119 3.76 -10.70 18.69
C LEU A 119 4.81 -9.59 18.84
N HIS A 120 4.87 -8.69 17.82
N HIS A 120 4.94 -8.63 17.92
CA HIS A 120 5.82 -7.56 17.88
CA HIS A 120 5.96 -7.62 18.12
C HIS A 120 5.15 -6.22 18.03
C HIS A 120 5.20 -6.33 18.40
N GLU B 1 14.47 14.51 -7.40
CA GLU B 1 13.16 13.91 -7.60
C GLU B 1 13.33 12.45 -8.03
N LEU B 2 12.95 11.48 -7.29
CA LEU B 2 12.05 10.52 -7.87
C LEU B 2 11.13 11.07 -8.85
N LEU B 3 11.06 10.40 -9.96
CA LEU B 3 10.09 10.86 -10.97
C LEU B 3 8.69 10.81 -10.44
N PRO B 4 7.92 11.89 -10.46
CA PRO B 4 6.62 11.85 -9.72
C PRO B 4 5.63 10.90 -10.27
N GLU B 5 5.71 10.55 -11.56
CA GLU B 5 4.56 9.74 -11.96
CA GLU B 5 4.84 9.57 -12.28
C GLU B 5 4.70 8.24 -11.54
N ILE B 6 5.76 7.88 -10.87
CA ILE B 6 5.88 6.49 -10.39
C ILE B 6 4.87 6.25 -9.24
N PHE B 7 4.48 7.33 -8.54
CA PHE B 7 3.59 7.12 -7.35
C PHE B 7 2.20 6.64 -7.77
N ARG B 8 1.64 7.30 -8.80
CA ARG B 8 0.32 6.84 -9.28
C ARG B 8 0.33 5.37 -9.76
N GLN B 9 1.37 5.08 -10.50
CA GLN B 9 1.49 3.68 -11.01
C GLN B 9 1.61 2.66 -9.85
N THR B 10 2.35 3.06 -8.81
CA THR B 10 2.47 2.25 -7.63
C THR B 10 1.12 2.02 -6.98
N VAL B 11 0.34 3.10 -6.77
CA VAL B 11 -1.00 2.96 -6.24
C VAL B 11 -1.79 1.98 -7.07
N GLU B 12 -1.76 2.23 -8.40
CA GLU B 12 -2.67 1.53 -9.29
C GLU B 12 -2.54 0.02 -9.14
N HIS B 13 -1.30 -0.43 -9.06
CA HIS B 13 -0.99 -1.91 -8.98
C HIS B 13 -0.69 -2.43 -7.59
N ALA B 14 -0.90 -1.63 -6.51
CA ALA B 14 -0.64 -2.13 -5.24
C ALA B 14 -1.66 -3.19 -4.82
N PRO B 15 -1.21 -4.19 -4.05
CA PRO B 15 -2.13 -5.30 -3.69
C PRO B 15 -2.89 -4.98 -2.41
N ILE B 16 -3.49 -3.85 -2.34
CA ILE B 16 -4.39 -3.41 -1.31
C ILE B 16 -5.35 -2.60 -2.11
N ALA B 17 -6.62 -2.67 -1.71
CA ALA B 17 -7.69 -1.85 -2.29
C ALA B 17 -7.48 -0.35 -1.91
N ILE B 18 -7.44 0.52 -2.89
CA ILE B 18 -7.20 1.95 -2.60
C ILE B 18 -8.22 2.80 -3.38
N SER B 19 -8.95 3.64 -2.70
CA SER B 19 -9.75 4.67 -3.37
C SER B 19 -9.40 6.00 -2.81
N ILE B 20 -9.66 7.01 -3.64
CA ILE B 20 -9.47 8.41 -3.21
C ILE B 20 -10.80 9.20 -3.48
N THR B 21 -11.25 9.89 -2.48
CA THR B 21 -12.63 10.44 -2.59
C THR B 21 -12.49 11.96 -2.36
N ASP B 22 -13.57 12.63 -2.81
CA ASP B 22 -13.78 14.02 -2.37
C ASP B 22 -14.33 13.99 -0.92
N LEU B 23 -14.61 15.20 -0.39
CA LEU B 23 -15.02 15.30 1.02
C LEU B 23 -16.39 14.71 1.35
N LYS B 24 -17.06 14.35 0.28
CA LYS B 24 -18.28 13.62 0.42
C LYS B 24 -18.28 12.20 0.41
N ALA B 25 -17.09 11.66 0.12
CA ALA B 25 -16.88 10.20 -0.06
C ALA B 25 -17.29 9.66 -1.42
N ASN B 26 -17.41 10.59 -2.37
CA ASN B 26 -17.59 10.20 -3.77
C ASN B 26 -16.24 9.82 -4.33
N ILE B 27 -16.23 8.67 -4.97
CA ILE B 27 -14.97 8.08 -5.46
C ILE B 27 -14.44 8.78 -6.69
N LEU B 28 -13.23 9.31 -6.58
CA LEU B 28 -12.56 10.03 -7.66
C LEU B 28 -11.57 9.16 -8.39
N TYR B 29 -11.10 8.09 -7.72
CA TYR B 29 -10.08 7.20 -8.21
C TYR B 29 -10.18 5.90 -7.45
N ALA B 30 -9.99 4.79 -8.20
CA ALA B 30 -9.89 3.49 -7.47
C ALA B 30 -8.86 2.69 -8.22
N ASN B 31 -8.10 1.89 -7.49
CA ASN B 31 -7.04 1.10 -8.11
C ASN B 31 -7.53 -0.29 -8.58
N ARG B 32 -6.63 -1.06 -9.19
CA ARG B 32 -7.09 -2.39 -9.71
CA ARG B 32 -7.02 -2.43 -9.67
C ARG B 32 -7.53 -3.35 -8.59
N ALA B 33 -6.81 -3.39 -7.47
CA ALA B 33 -7.22 -4.25 -6.37
C ALA B 33 -8.57 -3.93 -5.89
N PHE B 34 -8.97 -2.62 -5.80
CA PHE B 34 -10.24 -2.22 -5.38
C PHE B 34 -11.25 -2.89 -6.30
N ARG B 35 -10.98 -2.80 -7.60
CA ARG B 35 -11.89 -3.36 -8.65
C ARG B 35 -12.00 -4.87 -8.45
N THR B 36 -10.89 -5.54 -8.19
CA THR B 36 -10.91 -7.00 -8.04
C THR B 36 -11.71 -7.37 -6.75
N ILE B 37 -11.40 -6.75 -5.59
CA ILE B 37 -12.08 -7.07 -4.37
C ILE B 37 -13.51 -6.71 -4.34
N THR B 38 -13.90 -5.59 -4.89
CA THR B 38 -15.25 -5.11 -4.65
C THR B 38 -16.12 -5.62 -5.79
N GLY B 39 -15.53 -5.90 -6.91
CA GLY B 39 -16.27 -6.28 -8.12
C GLY B 39 -16.68 -5.19 -9.09
N TYR B 40 -16.51 -3.93 -8.68
CA TYR B 40 -16.88 -2.81 -9.57
C TYR B 40 -15.83 -2.42 -10.61
N GLY B 41 -16.28 -2.12 -11.83
CA GLY B 41 -15.35 -1.78 -12.92
C GLY B 41 -14.86 -0.33 -13.05
N SER B 42 -13.88 -0.20 -13.96
CA SER B 42 -13.09 0.99 -14.11
C SER B 42 -13.92 2.23 -14.36
N GLU B 43 -14.88 2.11 -15.25
CA GLU B 43 -15.71 3.25 -15.62
C GLU B 43 -16.90 3.40 -14.65
N GLU B 44 -17.44 2.31 -14.14
CA GLU B 44 -18.62 2.36 -13.32
C GLU B 44 -18.38 2.81 -11.88
N VAL B 45 -17.18 2.57 -11.33
CA VAL B 45 -16.88 3.04 -9.95
C VAL B 45 -16.84 4.58 -9.75
N LEU B 46 -16.39 5.27 -10.77
CA LEU B 46 -16.17 6.69 -10.66
C LEU B 46 -17.47 7.46 -10.36
N GLY B 47 -17.38 8.31 -9.35
CA GLY B 47 -18.42 9.20 -8.91
C GLY B 47 -19.42 8.49 -8.01
N LYS B 48 -19.34 7.16 -7.86
CA LYS B 48 -20.17 6.47 -6.82
C LYS B 48 -19.65 6.81 -5.42
N ASN B 49 -20.47 6.79 -4.40
CA ASN B 49 -20.04 6.88 -2.99
C ASN B 49 -19.54 5.60 -2.37
N GLU B 50 -18.57 5.66 -1.39
CA GLU B 50 -18.10 4.46 -0.66
C GLU B 50 -19.28 3.65 -0.04
N SER B 51 -20.33 4.32 0.34
CA SER B 51 -21.40 3.58 0.94
C SER B 51 -21.81 2.39 0.02
N ILE B 52 -21.54 2.41 -1.28
CA ILE B 52 -21.93 1.29 -2.15
C ILE B 52 -21.39 0.01 -1.55
N LEU B 53 -20.36 0.06 -0.71
CA LEU B 53 -19.66 -1.13 -0.17
C LEU B 53 -20.34 -1.62 1.07
N SER B 54 -21.35 -0.93 1.52
CA SER B 54 -21.83 -1.32 2.80
C SER B 54 -22.96 -2.28 2.49
N ASN B 55 -22.92 -3.48 3.09
CA ASN B 55 -24.07 -4.28 3.33
C ASN B 55 -24.76 -3.61 4.46
N GLY B 56 -25.59 -2.64 4.11
CA GLY B 56 -26.37 -1.83 5.02
C GLY B 56 -26.60 -2.53 6.35
N THR B 57 -25.64 -3.26 6.89
CA THR B 57 -25.70 -3.84 8.18
C THR B 57 -24.56 -3.29 9.15
N THR B 58 -23.81 -2.28 8.74
CA THR B 58 -22.81 -1.71 9.69
C THR B 58 -23.57 -0.80 10.64
N PRO B 59 -23.34 -0.97 11.96
CA PRO B 59 -24.00 -0.09 12.94
C PRO B 59 -23.62 1.33 12.68
N ARG B 60 -24.55 2.25 12.86
CA ARG B 60 -24.30 3.67 12.62
C ARG B 60 -23.13 4.17 13.45
N LEU B 61 -22.95 3.65 14.68
CA LEU B 61 -21.90 4.15 15.51
C LEU B 61 -20.51 3.78 15.00
N VAL B 62 -20.37 2.74 14.18
CA VAL B 62 -19.05 2.47 13.54
C VAL B 62 -18.78 3.62 12.62
N TYR B 63 -19.73 3.95 11.77
CA TYR B 63 -19.48 5.09 10.84
C TYR B 63 -19.33 6.42 11.53
N GLN B 64 -20.10 6.62 12.61
CA GLN B 64 -19.92 7.84 13.31
C GLN B 64 -18.48 7.96 13.79
N ALA B 65 -17.88 6.84 14.22
CA ALA B 65 -16.53 6.88 14.74
C ALA B 65 -15.55 7.20 13.58
N LEU B 66 -15.76 6.54 12.46
CA LEU B 66 -14.90 6.76 11.29
C LEU B 66 -14.95 8.29 10.93
N TRP B 67 -16.17 8.81 10.69
CA TRP B 67 -16.32 10.24 10.25
C TRP B 67 -15.87 11.18 11.36
N GLY B 68 -15.96 10.76 12.62
CA GLY B 68 -15.57 11.62 13.74
C GLY B 68 -14.10 11.89 13.76
N ARG B 69 -13.36 10.86 13.37
CA ARG B 69 -11.92 11.07 13.25
C ARG B 69 -11.55 11.90 12.05
N LEU B 70 -12.22 11.63 10.95
CA LEU B 70 -11.97 12.47 9.80
C LEU B 70 -12.22 13.98 10.11
N ALA B 71 -13.25 14.30 10.87
CA ALA B 71 -13.65 15.71 11.08
C ALA B 71 -12.61 16.38 11.94
N GLN B 72 -11.85 15.58 12.63
CA GLN B 72 -10.70 16.08 13.46
C GLN B 72 -9.37 16.04 12.69
N LYS B 73 -9.42 15.75 11.38
CA LYS B 73 -8.22 15.69 10.48
C LYS B 73 -7.28 14.62 10.93
N LYS B 74 -7.87 13.51 11.41
CA LYS B 74 -7.10 12.36 11.86
C LYS B 74 -7.54 11.10 11.11
N PRO B 75 -6.63 10.16 10.98
CA PRO B 75 -6.99 8.86 10.33
C PRO B 75 -7.84 7.98 11.27
N TRP B 76 -8.49 6.98 10.66
CA TRP B 76 -9.25 6.07 11.46
C TRP B 76 -9.00 4.71 10.84
N SER B 77 -9.18 3.69 11.66
CA SER B 77 -8.97 2.32 11.25
C SER B 77 -10.08 1.53 11.95
N GLY B 78 -10.60 0.51 11.25
CA GLY B 78 -11.57 -0.32 11.91
C GLY B 78 -11.80 -1.53 11.05
N VAL B 79 -12.77 -2.31 11.45
CA VAL B 79 -13.20 -3.47 10.61
C VAL B 79 -14.62 -3.27 10.29
N LEU B 80 -14.98 -3.66 9.10
CA LEU B 80 -16.36 -3.62 8.82
C LEU B 80 -16.69 -4.61 7.78
N VAL B 81 -17.95 -5.00 7.72
CA VAL B 81 -18.37 -5.97 6.70
C VAL B 81 -18.79 -5.22 5.44
N ASN B 82 -18.01 -5.46 4.39
CA ASN B 82 -18.37 -4.85 3.09
C ASN B 82 -19.08 -5.85 2.18
N ARG B 83 -19.79 -5.35 1.17
CA ARG B 83 -20.48 -6.10 0.15
C ARG B 83 -19.87 -5.88 -1.21
N ARG B 84 -19.60 -7.01 -1.96
CA ARG B 84 -19.04 -6.88 -3.33
C ARG B 84 -20.21 -6.64 -4.26
N LYS B 85 -19.92 -6.32 -5.51
CA LYS B 85 -21.00 -6.11 -6.52
C LYS B 85 -21.90 -7.44 -6.63
N ASP B 86 -21.23 -8.58 -6.52
CA ASP B 86 -21.92 -9.84 -6.63
C ASP B 86 -22.70 -10.25 -5.36
N LYS B 87 -22.75 -9.32 -4.37
CA LYS B 87 -23.50 -9.39 -3.12
C LYS B 87 -22.85 -10.38 -2.12
N THR B 88 -21.68 -10.96 -2.45
CA THR B 88 -20.96 -11.66 -1.37
C THR B 88 -20.33 -10.64 -0.34
N LEU B 89 -19.96 -11.10 0.86
CA LEU B 89 -19.69 -10.17 1.97
C LEU B 89 -18.29 -10.49 2.35
N TYR B 90 -17.58 -9.47 2.84
CA TYR B 90 -16.28 -9.80 3.38
C TYR B 90 -15.91 -8.91 4.59
N LEU B 91 -15.16 -9.42 5.55
CA LEU B 91 -14.65 -8.55 6.60
C LEU B 91 -13.48 -7.75 6.07
N ALA B 92 -13.68 -6.40 6.04
CA ALA B 92 -12.68 -5.41 5.51
C ALA B 92 -11.87 -4.82 6.63
N GLU B 93 -10.57 -4.80 6.52
CA GLU B 93 -9.85 -4.05 7.51
C GLU B 93 -9.61 -2.76 6.73
N LEU B 94 -10.25 -1.65 7.17
CA LEU B 94 -10.33 -0.37 6.48
C LEU B 94 -9.49 0.66 7.27
N THR B 95 -8.68 1.40 6.51
CA THR B 95 -8.06 2.65 7.03
C THR B 95 -8.55 3.81 6.15
N VAL B 96 -9.01 4.90 6.81
CA VAL B 96 -9.32 6.11 6.02
C VAL B 96 -8.48 7.22 6.58
N ALA B 97 -7.94 8.03 5.69
CA ALA B 97 -6.96 9.06 6.10
C ALA B 97 -7.31 10.33 5.32
N PRO B 98 -7.25 11.47 6.00
CA PRO B 98 -7.41 12.78 5.26
C PRO B 98 -6.08 13.10 4.55
N VAL B 99 -6.21 13.73 3.40
CA VAL B 99 -5.07 14.41 2.71
C VAL B 99 -5.20 15.86 3.07
N LEU B 100 -4.18 16.49 3.62
CA LEU B 100 -4.25 17.88 4.09
C LEU B 100 -3.43 18.73 3.11
N ASN B 101 -3.93 19.93 2.89
CA ASN B 101 -3.16 20.91 2.12
C ASN B 101 -2.13 21.62 3.02
N GLU B 102 -1.42 22.58 2.43
CA GLU B 102 -0.39 23.25 3.16
C GLU B 102 -0.92 23.87 4.47
N ALA B 103 -2.15 24.37 4.39
CA ALA B 103 -2.81 25.05 5.46
C ALA B 103 -3.37 24.13 6.51
N GLY B 104 -3.22 22.83 6.35
CA GLY B 104 -3.76 21.89 7.36
C GLY B 104 -5.23 21.58 7.09
N GLU B 105 -5.76 21.94 5.92
CA GLU B 105 -7.18 21.70 5.62
C GLU B 105 -7.39 20.36 4.86
N THR B 106 -8.43 19.59 5.16
CA THR B 106 -8.64 18.36 4.42
C THR B 106 -9.09 18.65 2.98
N ILE B 107 -8.45 18.00 1.99
CA ILE B 107 -8.84 18.23 0.60
C ILE B 107 -9.28 16.94 -0.10
N TYR B 108 -8.90 15.75 0.41
CA TYR B 108 -9.40 14.49 -0.14
C TYR B 108 -9.41 13.53 1.04
N TYR B 109 -10.05 12.37 0.78
CA TYR B 109 -9.83 11.19 1.73
C TYR B 109 -9.28 10.02 1.00
N LEU B 110 -8.46 9.24 1.69
CA LEU B 110 -7.91 8.01 1.19
C LEU B 110 -8.66 6.87 1.89
N GLY B 111 -9.14 5.93 1.06
CA GLY B 111 -9.83 4.71 1.68
C GLY B 111 -8.92 3.58 1.29
N MET B 112 -8.38 2.83 2.24
CA MET B 112 -7.42 1.77 1.89
CA MET B 112 -7.39 1.77 1.99
C MET B 112 -7.75 0.51 2.73
N HIS B 113 -8.09 -0.59 2.04
CA HIS B 113 -8.51 -1.75 2.74
C HIS B 113 -7.99 -3.07 2.27
N ARG B 114 -7.92 -4.07 3.16
CA ARG B 114 -7.66 -5.47 2.79
C ARG B 114 -8.91 -6.23 3.04
N ASP B 115 -9.11 -7.25 2.19
CA ASP B 115 -10.21 -8.21 2.37
C ASP B 115 -9.63 -9.33 3.27
N THR B 116 -10.16 -9.53 4.46
CA THR B 116 -9.53 -10.49 5.39
C THR B 116 -10.05 -11.95 5.21
N SER B 117 -10.94 -12.18 4.25
CA SER B 117 -11.34 -13.57 3.94
C SER B 117 -10.17 -14.46 3.44
N GLU B 118 -10.23 -15.71 3.78
CA GLU B 118 -9.21 -16.60 3.16
C GLU B 118 -9.82 -17.55 2.09
N LEU B 119 -11.10 -17.30 1.81
CA LEU B 119 -11.93 -17.99 0.79
C LEU B 119 -12.27 -19.36 1.37
#